data_5I4F
#
_entry.id   5I4F
#
_cell.length_a   81.093
_cell.length_b   81.093
_cell.length_c   74.388
_cell.angle_alpha   90.00
_cell.angle_beta   90.00
_cell.angle_gamma   120.00
#
_symmetry.space_group_name_H-M   'P 31 2 1'
#
loop_
_entity.id
_entity.type
_entity.pdbx_description
1 polymer 'scFv 2D10'
2 branched alpha-D-mannopyranose-(1-6)-alpha-D-mannopyranose
3 water water
#
_entity_poly.entity_id   1
_entity_poly.type   'polypeptide(L)'
_entity_poly.pdbx_seq_one_letter_code
;MEIQLQQSGPELVKPGASVKISCKASGYSFTDYIMLWVKQSHGKSLEWIGNINPYYGSTSYNLKFKGKATLTVDKSSSTA
YMQLNSLTSEDSAVYYCARKNYYGSSLDYWGQGTTLTVSSAKTTGGGGSGGGGSGGGGSDVVMTQTPFSLPVSLGDQASI
SCRSSQSLVHSNGNTYLHWYLQKPGQSPKLLIYKVSNRFSGVPDRFSGSGSGTDFTLKISRVEAEDLGVYFCSQSTHVPY
TFGGGTKLEIK
;
_entity_poly.pdbx_strand_id   A
#
loop_
_chem_comp.id
_chem_comp.type
_chem_comp.name
_chem_comp.formula
MAN D-saccharide, alpha linking alpha-D-mannopyranose 'C6 H12 O6'
#
# COMPACT_ATOMS: atom_id res chain seq x y z
N MET A 1 -14.79 6.00 17.81
CA MET A 1 -13.51 5.38 18.07
C MET A 1 -12.42 5.85 17.11
N GLU A 2 -11.32 5.12 17.12
CA GLU A 2 -10.30 5.21 16.09
C GLU A 2 -10.03 3.80 15.58
N ILE A 3 -9.66 3.71 14.32
CA ILE A 3 -9.45 2.43 13.68
C ILE A 3 -7.98 2.11 13.79
N GLN A 4 -7.67 0.87 14.14
CA GLN A 4 -6.26 0.44 14.25
C GLN A 4 -6.07 -0.95 13.65
N LEU A 5 -4.96 -1.13 12.92
CA LEU A 5 -4.57 -2.46 12.47
C LEU A 5 -3.24 -2.75 13.16
N GLN A 6 -3.25 -3.73 14.06
CA GLN A 6 -2.07 -4.02 14.85
C GLN A 6 -1.44 -5.33 14.38
N GLN A 7 -0.26 -5.21 13.79
CA GLN A 7 0.44 -6.39 13.31
C GLN A 7 1.36 -6.99 14.36
N SER A 8 1.63 -8.28 14.19
CA SER A 8 2.56 -8.97 15.10
C SER A 8 3.97 -8.42 14.93
N GLY A 9 4.84 -8.75 15.88
CA GLY A 9 6.17 -8.16 15.94
C GLY A 9 7.15 -8.71 14.92
N PRO A 10 8.35 -8.12 14.88
CA PRO A 10 9.38 -8.58 13.93
C PRO A 10 9.68 -10.07 14.10
N GLU A 11 9.95 -10.72 12.96
CA GLU A 11 10.20 -12.15 12.89
C GLU A 11 11.60 -12.40 12.35
N LEU A 12 12.34 -13.25 13.04
CA LEU A 12 13.63 -13.73 12.55
C LEU A 12 13.44 -15.22 12.35
N VAL A 13 13.49 -15.68 11.10
CA VAL A 13 13.09 -17.05 10.78
C VAL A 13 14.17 -17.73 9.94
N LYS A 14 14.39 -19.02 10.15
CA LYS A 14 15.37 -19.78 9.36
C LYS A 14 14.88 -20.06 7.93
N PRO A 15 15.82 -20.15 6.98
CA PRO A 15 15.43 -20.49 5.61
C PRO A 15 14.70 -21.85 5.56
N GLY A 16 13.66 -21.93 4.75
CA GLY A 16 12.91 -23.14 4.56
C GLY A 16 11.68 -23.21 5.45
N ALA A 17 11.69 -22.41 6.52
CA ALA A 17 10.55 -22.43 7.45
C ALA A 17 9.37 -21.68 6.89
N SER A 18 8.25 -21.77 7.59
CA SER A 18 7.10 -20.92 7.29
C SER A 18 6.96 -19.87 8.38
N VAL A 19 6.23 -18.80 8.07
CA VAL A 19 5.93 -17.80 9.11
C VAL A 19 4.48 -17.37 8.93
N LYS A 20 3.81 -17.06 10.03
CA LYS A 20 2.43 -16.59 9.94
C LYS A 20 2.33 -15.27 10.69
N ILE A 21 2.09 -14.20 9.95
CA ILE A 21 2.04 -12.85 10.47
C ILE A 21 0.57 -12.50 10.70
N SER A 22 0.27 -11.85 11.81
CA SER A 22 -1.10 -11.46 12.13
C SER A 22 -1.33 -9.95 12.05
N CYS A 23 -2.61 -9.59 11.87
CA CYS A 23 -3.05 -8.23 11.76
C CYS A 23 -4.42 -8.15 12.44
N LYS A 24 -4.44 -7.62 13.67
CA LYS A 24 -5.67 -7.51 14.46
C LYS A 24 -6.35 -6.18 14.20
N ALA A 25 -7.58 -6.25 13.73
CA ALA A 25 -8.37 -5.07 13.46
C ALA A 25 -9.18 -4.61 14.66
N SER A 26 -9.07 -3.33 14.98
CA SER A 26 -10.01 -2.77 15.94
C SER A 26 -10.61 -1.45 15.44
N GLY A 27 -11.77 -1.13 15.99
CA GLY A 27 -12.39 0.13 15.66
C GLY A 27 -13.36 0.11 14.49
N TYR A 28 -13.41 -1.00 13.78
CA TYR A 28 -14.38 -1.16 12.70
C TYR A 28 -14.87 -2.59 12.61
N SER A 29 -15.97 -2.78 11.90
CA SER A 29 -16.55 -4.09 11.71
C SER A 29 -15.70 -4.87 10.72
N PHE A 30 -14.95 -5.82 11.26
CA PHE A 30 -13.94 -6.59 10.52
C PHE A 30 -14.48 -7.23 9.25
N THR A 31 -15.68 -7.81 9.34
CA THR A 31 -16.19 -8.53 8.18
C THR A 31 -16.75 -7.64 7.08
N ASP A 32 -16.79 -6.34 7.31
CA ASP A 32 -17.38 -5.44 6.33
C ASP A 32 -16.40 -4.83 5.33
N TYR A 33 -15.11 -5.19 5.43
CA TYR A 33 -14.08 -4.63 4.55
C TYR A 33 -13.08 -5.69 4.13
N ILE A 34 -12.74 -5.68 2.86
CA ILE A 34 -11.59 -6.45 2.35
C ILE A 34 -10.33 -6.08 3.13
N MET A 35 -9.50 -7.09 3.44
CA MET A 35 -8.16 -6.83 3.95
C MET A 35 -7.15 -7.19 2.87
N LEU A 36 -6.19 -6.32 2.63
CA LEU A 36 -5.23 -6.49 1.55
C LEU A 36 -3.85 -6.57 2.19
N TRP A 37 -2.94 -7.34 1.59
CA TRP A 37 -1.56 -7.39 2.10
C TRP A 37 -0.58 -6.89 1.03
N VAL A 38 0.49 -6.25 1.49
CA VAL A 38 1.48 -5.60 0.63
C VAL A 38 2.89 -5.99 1.12
N LYS A 39 3.78 -6.27 0.16
CA LYS A 39 5.19 -6.45 0.47
C LYS A 39 5.99 -5.19 0.10
N GLN A 40 6.90 -4.79 0.97
CA GLN A 40 7.84 -3.72 0.67
C GLN A 40 9.27 -4.19 0.94
N SER A 41 9.98 -4.47 -0.15
CA SER A 41 11.37 -4.87 -0.06
C SER A 41 12.22 -3.65 0.32
N HIS A 42 13.34 -3.88 1.00
CA HIS A 42 14.20 -2.78 1.38
C HIS A 42 14.87 -2.27 0.13
N GLY A 43 14.23 -1.31 -0.52
CA GLY A 43 14.58 -0.88 -1.85
C GLY A 43 13.48 0.07 -2.23
N LYS A 44 12.25 -0.36 -1.94
CA LYS A 44 11.15 0.51 -1.47
C LYS A 44 9.76 0.39 -2.11
N SER A 45 9.60 -0.07 -3.36
CA SER A 45 8.22 -0.04 -3.85
C SER A 45 7.35 -1.13 -3.25
N LEU A 46 6.08 -0.81 -3.29
CA LEU A 46 5.02 -1.59 -2.70
C LEU A 46 4.52 -2.59 -3.74
N GLU A 47 4.28 -3.82 -3.31
CA GLU A 47 3.75 -4.83 -4.20
C GLU A 47 2.51 -5.43 -3.57
N TRP A 48 1.42 -5.52 -4.31
CA TRP A 48 0.23 -6.22 -3.84
C TRP A 48 0.47 -7.74 -3.74
N ILE A 49 0.12 -8.31 -2.58
CA ILE A 49 0.22 -9.75 -2.35
C ILE A 49 -1.12 -10.42 -2.67
N GLY A 50 -2.17 -9.90 -2.06
CA GLY A 50 -3.49 -10.50 -2.22
C GLY A 50 -4.50 -9.84 -1.31
N ASN A 51 -5.77 -10.19 -1.54
CA ASN A 51 -6.93 -9.72 -0.80
C ASN A 51 -7.61 -10.90 -0.14
N ILE A 52 -8.24 -10.64 1.00
CA ILE A 52 -9.20 -11.57 1.58
C ILE A 52 -10.48 -10.82 1.98
N ASN A 53 -11.62 -11.42 1.67
CA ASN A 53 -12.89 -10.92 2.16
C ASN A 53 -13.21 -11.69 3.43
N PRO A 54 -13.11 -11.02 4.59
CA PRO A 54 -13.25 -11.77 5.85
C PRO A 54 -14.62 -12.37 6.07
N TYR A 55 -15.64 -11.85 5.41
CA TYR A 55 -16.98 -12.36 5.62
C TYR A 55 -17.10 -13.78 5.06
N TYR A 56 -16.45 -14.03 3.91
CA TYR A 56 -16.53 -15.34 3.25
C TYR A 56 -15.26 -16.16 3.39
N GLY A 57 -14.13 -15.48 3.61
CA GLY A 57 -12.84 -16.15 3.58
C GLY A 57 -12.27 -16.33 2.18
N SER A 58 -12.93 -15.72 1.19
CA SER A 58 -12.53 -15.80 -0.21
C SER A 58 -11.34 -14.90 -0.50
N THR A 59 -10.48 -15.35 -1.41
CA THR A 59 -9.20 -14.68 -1.61
C THR A 59 -8.90 -14.40 -3.07
N SER A 60 -8.05 -13.40 -3.31
CA SER A 60 -7.50 -13.24 -4.65
C SER A 60 -6.03 -12.90 -4.50
N TYR A 61 -5.18 -13.45 -5.36
CA TYR A 61 -3.76 -13.24 -5.22
C TYR A 61 -3.14 -12.57 -6.43
N ASN A 62 -2.08 -11.80 -6.18
CA ASN A 62 -1.17 -11.42 -7.24
C ASN A 62 -0.50 -12.71 -7.72
N LEU A 63 -0.49 -12.95 -9.02
CA LEU A 63 0.12 -14.16 -9.57
C LEU A 63 1.52 -14.44 -9.00
N LYS A 64 2.32 -13.39 -8.82
CA LYS A 64 3.68 -13.48 -8.27
C LYS A 64 3.76 -14.19 -6.91
N PHE A 65 2.69 -14.07 -6.13
CA PHE A 65 2.66 -14.61 -4.77
C PHE A 65 1.80 -15.85 -4.64
N LYS A 66 1.09 -16.21 -5.69
CA LYS A 66 0.24 -17.39 -5.64
C LYS A 66 1.15 -18.62 -5.53
N GLY A 67 0.97 -19.39 -4.47
CA GLY A 67 1.78 -20.57 -4.21
C GLY A 67 2.78 -20.32 -3.08
N LYS A 68 2.98 -19.06 -2.73
CA LYS A 68 3.89 -18.61 -1.67
C LYS A 68 3.17 -18.12 -0.42
N ALA A 69 2.16 -17.28 -0.61
CA ALA A 69 1.43 -16.65 0.50
C ALA A 69 0.05 -17.27 0.63
N THR A 70 -0.41 -17.45 1.87
CA THR A 70 -1.78 -17.90 2.12
C THR A 70 -2.45 -16.95 3.09
N LEU A 71 -3.58 -16.36 2.68
CA LEU A 71 -4.33 -15.45 3.55
C LEU A 71 -5.47 -16.16 4.21
N THR A 72 -5.62 -15.94 5.52
CA THR A 72 -6.78 -16.47 6.24
C THR A 72 -7.28 -15.39 7.20
N VAL A 73 -8.42 -15.64 7.82
CA VAL A 73 -8.91 -14.79 8.89
C VAL A 73 -9.46 -15.65 10.03
N ASP A 74 -9.50 -15.06 11.22
CA ASP A 74 -10.28 -15.54 12.36
C ASP A 74 -11.28 -14.45 12.69
N LYS A 75 -12.53 -14.69 12.30
CA LYS A 75 -13.59 -13.71 12.51
C LYS A 75 -13.84 -13.45 13.99
N SER A 76 -13.74 -14.50 14.80
CA SER A 76 -14.06 -14.35 16.22
C SER A 76 -13.10 -13.39 16.92
N SER A 77 -11.88 -13.26 16.41
CA SER A 77 -10.90 -12.38 17.03
C SER A 77 -10.56 -11.17 16.15
N SER A 78 -11.34 -11.00 15.08
CA SER A 78 -11.13 -9.90 14.14
C SER A 78 -9.67 -9.82 13.69
N THR A 79 -9.09 -10.97 13.35
CA THR A 79 -7.66 -11.00 13.01
C THR A 79 -7.45 -11.60 11.63
N ALA A 80 -6.63 -10.94 10.82
CA ALA A 80 -6.22 -11.46 9.52
C ALA A 80 -4.81 -12.05 9.64
N TYR A 81 -4.56 -13.09 8.86
CA TYR A 81 -3.25 -13.73 8.86
C TYR A 81 -2.69 -13.88 7.46
N MET A 82 -1.37 -13.80 7.38
CA MET A 82 -0.69 -14.11 6.15
C MET A 82 0.41 -15.10 6.46
N GLN A 83 0.33 -16.27 5.86
CA GLN A 83 1.40 -17.25 6.01
C GLN A 83 2.28 -17.27 4.77
N LEU A 84 3.59 -17.28 4.98
CA LEU A 84 4.55 -17.39 3.88
C LEU A 84 5.34 -18.67 4.05
N ASN A 85 5.47 -19.42 2.96
CA ASN A 85 6.09 -20.73 3.02
C ASN A 85 7.43 -20.78 2.31
N SER A 86 8.24 -21.78 2.64
CA SER A 86 9.55 -22.02 2.03
C SER A 86 10.39 -20.75 1.98
N LEU A 87 10.60 -20.14 3.14
CA LEU A 87 11.21 -18.83 3.21
C LEU A 87 12.66 -18.80 2.76
N THR A 88 13.00 -17.76 1.99
CA THR A 88 14.38 -17.54 1.58
C THR A 88 14.72 -16.08 1.86
N SER A 89 16.00 -15.74 1.67
CA SER A 89 16.45 -14.38 1.89
C SER A 89 15.70 -13.34 1.06
N GLU A 90 15.12 -13.75 -0.07
CA GLU A 90 14.36 -12.83 -0.90
C GLU A 90 13.02 -12.46 -0.28
N ASP A 91 12.61 -13.21 0.74
CA ASP A 91 11.37 -12.89 1.45
C ASP A 91 11.59 -11.88 2.57
N SER A 92 12.85 -11.57 2.87
CA SER A 92 13.14 -10.56 3.89
C SER A 92 12.63 -9.21 3.39
N ALA A 93 11.73 -8.60 4.15
CA ALA A 93 11.02 -7.41 3.70
C ALA A 93 10.14 -6.94 4.83
N VAL A 94 9.46 -5.82 4.61
CA VAL A 94 8.43 -5.39 5.51
C VAL A 94 7.10 -5.76 4.87
N TYR A 95 6.19 -6.32 5.64
CA TYR A 95 4.87 -6.68 5.14
C TYR A 95 3.81 -5.87 5.85
N TYR A 96 2.88 -5.31 5.08
CA TYR A 96 1.76 -4.53 5.64
C TYR A 96 0.44 -5.23 5.37
N CYS A 97 -0.47 -5.12 6.33
CA CYS A 97 -1.87 -5.34 6.02
C CYS A 97 -2.50 -3.96 5.93
N ALA A 98 -3.57 -3.87 5.14
CA ALA A 98 -4.28 -2.58 5.00
C ALA A 98 -5.73 -2.87 4.66
N ARG A 99 -6.59 -2.03 5.19
CA ARG A 99 -8.02 -2.16 4.92
C ARG A 99 -8.34 -1.49 3.61
N LYS A 100 -9.16 -2.15 2.79
CA LYS A 100 -9.56 -1.58 1.49
C LYS A 100 -11.04 -1.26 1.56
N ASN A 101 -11.37 -0.02 1.24
CA ASN A 101 -12.79 0.35 1.20
C ASN A 101 -13.41 0.09 -0.18
N TYR A 102 -14.73 0.11 -0.22
CA TYR A 102 -15.46 -0.17 -1.46
C TYR A 102 -15.69 1.16 -2.22
N TYR A 103 -16.09 2.21 -1.50
CA TYR A 103 -16.45 3.46 -2.20
C TYR A 103 -15.26 4.06 -2.97
N GLY A 104 -14.05 3.88 -2.43
CA GLY A 104 -12.87 4.44 -3.04
C GLY A 104 -11.94 3.41 -3.66
N SER A 105 -12.20 2.13 -3.39
CA SER A 105 -11.26 1.05 -3.68
C SER A 105 -9.83 1.44 -3.26
N SER A 106 -9.74 2.10 -2.11
CA SER A 106 -8.48 2.66 -1.63
C SER A 106 -8.11 2.06 -0.28
N LEU A 107 -6.85 2.21 0.10
CA LEU A 107 -6.30 1.57 1.28
C LEU A 107 -6.28 2.62 2.39
N ASP A 108 -7.34 2.66 3.19
CA ASP A 108 -7.57 3.82 4.06
C ASP A 108 -6.91 3.74 5.44
N TYR A 109 -6.66 2.51 5.90
CA TYR A 109 -6.00 2.32 7.21
C TYR A 109 -5.01 1.22 7.04
N TRP A 110 -3.80 1.44 7.53
CA TRP A 110 -2.69 0.49 7.35
C TRP A 110 -2.18 0.03 8.70
N GLY A 111 -1.76 -1.23 8.75
CA GLY A 111 -0.98 -1.72 9.87
C GLY A 111 0.36 -1.04 9.95
N GLN A 112 1.06 -1.26 11.06
CA GLN A 112 2.34 -0.59 11.28
C GLN A 112 3.49 -1.31 10.59
N GLY A 113 3.19 -2.48 10.03
CA GLY A 113 4.18 -3.28 9.31
C GLY A 113 4.88 -4.29 10.20
N THR A 114 5.28 -5.40 9.59
CA THR A 114 6.03 -6.44 10.26
C THR A 114 7.30 -6.69 9.45
N THR A 115 8.45 -6.57 10.11
CA THR A 115 9.71 -6.82 9.44
C THR A 115 10.04 -8.29 9.54
N LEU A 116 10.25 -8.92 8.39
CA LEU A 116 10.67 -10.32 8.35
C LEU A 116 12.11 -10.41 7.95
N THR A 117 12.89 -11.12 8.75
CA THR A 117 14.28 -11.40 8.39
C THR A 117 14.49 -12.90 8.30
N VAL A 118 14.88 -13.36 7.12
CA VAL A 118 15.13 -14.78 6.90
C VAL A 118 16.63 -15.01 6.94
N SER A 119 17.08 -15.71 7.98
CA SER A 119 18.49 -15.94 8.22
C SER A 119 18.69 -17.16 9.12
N SER A 120 19.84 -17.81 8.99
CA SER A 120 20.20 -18.93 9.85
C SER A 120 20.81 -18.44 11.17
N ALA A 121 21.17 -17.16 11.21
CA ALA A 121 21.85 -16.59 12.37
C ALA A 121 21.02 -16.58 13.66
N LYS A 122 21.70 -16.41 14.79
CA LYS A 122 21.09 -16.51 16.12
C LYS A 122 20.21 -15.32 16.52
N THR A 123 20.69 -14.11 16.27
CA THR A 123 19.97 -12.91 16.66
C THR A 123 20.02 -11.85 15.56
N GLY A 138 -3.78 -10.48 -20.80
CA GLY A 138 -3.75 -9.10 -20.35
C GLY A 138 -2.52 -8.78 -19.52
N SER A 139 -1.72 -7.83 -19.99
CA SER A 139 -0.53 -7.43 -19.26
C SER A 139 -0.93 -6.63 -18.02
N ASP A 140 -0.10 -6.69 -16.98
CA ASP A 140 -0.35 -5.89 -15.79
C ASP A 140 -0.19 -4.43 -16.17
N VAL A 141 -0.91 -3.56 -15.47
CA VAL A 141 -0.81 -2.14 -15.75
C VAL A 141 0.38 -1.56 -15.01
N VAL A 142 1.24 -0.91 -15.76
CA VAL A 142 2.46 -0.36 -15.17
C VAL A 142 2.25 1.11 -14.86
N MET A 143 2.62 1.49 -13.64
CA MET A 143 2.53 2.86 -13.19
C MET A 143 3.93 3.45 -13.16
N THR A 144 4.14 4.47 -13.98
CA THR A 144 5.46 5.10 -14.13
C THR A 144 5.39 6.46 -13.47
N GLN A 145 6.13 6.62 -12.37
CA GLN A 145 6.12 7.83 -11.60
C GLN A 145 7.38 8.64 -11.86
N THR A 146 7.21 9.95 -12.10
CA THR A 146 8.34 10.82 -12.33
C THR A 146 8.14 12.15 -11.61
N PRO A 147 9.19 12.73 -11.06
CA PRO A 147 10.54 12.20 -11.00
C PRO A 147 10.62 11.12 -9.93
N PHE A 148 11.64 10.28 -9.99
CA PHE A 148 11.85 9.35 -8.87
C PHE A 148 12.32 10.07 -7.61
N SER A 149 12.94 11.25 -7.79
CA SER A 149 13.43 12.02 -6.66
C SER A 149 13.08 13.47 -6.90
N LEU A 150 12.51 14.11 -5.88
CA LEU A 150 12.17 15.54 -5.93
C LEU A 150 12.77 16.30 -4.73
N PRO A 151 14.05 16.73 -4.86
CA PRO A 151 14.62 17.58 -3.81
C PRO A 151 14.07 18.97 -3.97
N VAL A 152 13.67 19.59 -2.87
CA VAL A 152 13.09 20.94 -2.93
C VAL A 152 13.65 21.76 -1.79
N SER A 153 13.39 23.07 -1.84
CA SER A 153 13.60 23.93 -0.68
C SER A 153 12.27 23.99 0.02
N LEU A 154 12.29 24.07 1.35
CA LEU A 154 11.04 24.24 2.09
C LEU A 154 10.29 25.46 1.57
N GLY A 155 8.99 25.31 1.39
CA GLY A 155 8.19 26.38 0.85
C GLY A 155 7.92 26.26 -0.63
N ASP A 156 8.73 25.47 -1.33
CA ASP A 156 8.52 25.27 -2.77
C ASP A 156 7.20 24.58 -3.10
N GLN A 157 6.72 24.82 -4.31
CA GLN A 157 5.66 24.01 -4.90
C GLN A 157 6.31 22.75 -5.43
N ALA A 158 5.61 21.62 -5.35
CA ALA A 158 6.11 20.34 -5.85
C ALA A 158 5.04 19.71 -6.70
N SER A 159 5.45 19.09 -7.81
CA SER A 159 4.52 18.41 -8.71
C SER A 159 5.08 17.04 -9.02
N ILE A 160 4.26 16.01 -8.89
CA ILE A 160 4.67 14.62 -9.10
C ILE A 160 3.74 14.01 -10.12
N SER A 161 4.29 13.37 -11.14
CA SER A 161 3.50 12.77 -12.22
C SER A 161 3.41 11.27 -12.10
N CYS A 162 2.28 10.72 -12.52
CA CYS A 162 2.06 9.29 -12.57
C CYS A 162 1.39 8.96 -13.91
N ARG A 163 1.99 8.07 -14.69
CA ARG A 163 1.43 7.69 -15.99
C ARG A 163 1.15 6.21 -15.96
N SER A 164 -0.03 5.81 -16.41
CA SER A 164 -0.38 4.39 -16.46
C SER A 164 -0.27 3.85 -17.88
N SER A 165 0.05 2.57 -18.01
CA SER A 165 0.18 1.96 -19.34
C SER A 165 -1.15 1.71 -20.04
N GLN A 166 -2.22 1.84 -19.28
CA GLN A 166 -3.56 1.70 -19.79
C GLN A 166 -4.47 2.70 -19.13
N SER A 167 -5.55 3.06 -19.81
CA SER A 167 -6.51 3.95 -19.14
C SER A 167 -6.98 3.38 -17.83
N LEU A 168 -7.12 4.26 -16.83
CA LEU A 168 -7.57 3.85 -15.49
C LEU A 168 -9.08 4.06 -15.32
N VAL A 169 -9.81 4.37 -16.39
CA VAL A 169 -11.26 4.52 -16.30
C VAL A 169 -11.88 3.14 -16.11
N HIS A 170 -12.68 3.02 -15.04
CA HIS A 170 -13.36 1.77 -14.69
C HIS A 170 -14.70 1.64 -15.41
N SER A 171 -15.27 0.44 -15.42
CA SER A 171 -16.63 0.24 -15.93
C SER A 171 -17.67 1.25 -15.45
N ASN A 172 -17.56 1.65 -14.18
CA ASN A 172 -18.57 2.54 -13.61
C ASN A 172 -18.33 4.02 -13.88
N GLY A 173 -17.26 4.31 -14.63
CA GLY A 173 -16.93 5.66 -15.05
C GLY A 173 -15.98 6.38 -14.12
N ASN A 174 -15.75 5.82 -12.94
CA ASN A 174 -14.78 6.37 -12.00
C ASN A 174 -13.38 5.95 -12.38
N THR A 175 -12.40 6.64 -11.79
CA THR A 175 -10.99 6.37 -12.09
C THR A 175 -10.30 6.12 -10.76
N TYR A 176 -9.92 4.86 -10.55
CA TYR A 176 -9.37 4.41 -9.28
C TYR A 176 -7.88 4.59 -9.26
N LEU A 177 -7.47 5.84 -9.21
CA LEU A 177 -6.09 6.25 -9.06
C LEU A 177 -5.93 6.97 -7.72
N HIS A 178 -4.99 6.52 -6.90
CA HIS A 178 -4.83 7.05 -5.56
C HIS A 178 -3.39 7.41 -5.29
N TRP A 179 -3.17 8.29 -4.32
CA TRP A 179 -1.85 8.69 -3.88
C TRP A 179 -1.69 8.42 -2.39
N TYR A 180 -0.54 7.85 -2.05
CA TYR A 180 -0.13 7.55 -0.67
C TYR A 180 1.19 8.27 -0.36
N LEU A 181 1.37 8.61 0.90
CA LEU A 181 2.63 9.18 1.38
C LEU A 181 3.16 8.26 2.48
N GLN A 182 4.40 7.84 2.35
CA GLN A 182 5.07 7.06 3.37
C GLN A 182 6.19 7.91 3.93
N LYS A 183 5.95 8.43 5.12
CA LYS A 183 6.95 9.21 5.84
C LYS A 183 8.05 8.28 6.34
N PRO A 184 9.26 8.83 6.58
CA PRO A 184 10.35 7.94 6.96
C PRO A 184 10.04 7.13 8.23
N GLY A 185 10.22 5.82 8.15
CA GLY A 185 9.95 4.93 9.28
C GLY A 185 8.49 4.68 9.63
N GLN A 186 7.59 4.98 8.71
CA GLN A 186 6.15 4.76 8.96
C GLN A 186 5.53 3.93 7.84
N SER A 187 4.27 3.52 8.04
CA SER A 187 3.52 2.88 6.96
C SER A 187 3.05 3.95 5.98
N PRO A 188 2.73 3.54 4.74
CA PRO A 188 2.06 4.45 3.81
C PRO A 188 0.75 4.93 4.41
N LYS A 189 0.34 6.15 4.06
CA LYS A 189 -0.97 6.69 4.43
C LYS A 189 -1.67 7.23 3.21
N LEU A 190 -2.99 7.07 3.17
CA LEU A 190 -3.78 7.55 2.03
C LEU A 190 -3.87 9.07 2.05
N LEU A 191 -3.54 9.69 0.91
CA LEU A 191 -3.69 11.14 0.79
C LEU A 191 -4.85 11.49 -0.09
N ILE A 192 -4.85 10.90 -1.29
CA ILE A 192 -5.85 11.23 -2.29
C ILE A 192 -6.43 9.96 -2.87
N TYR A 193 -7.75 9.90 -3.02
CA TYR A 193 -8.36 8.74 -3.65
C TYR A 193 -9.21 9.18 -4.85
N LYS A 194 -9.31 8.30 -5.83
CA LYS A 194 -10.09 8.58 -7.04
C LYS A 194 -9.69 9.93 -7.64
N VAL A 195 -8.40 10.04 -7.90
CA VAL A 195 -7.78 11.17 -8.62
C VAL A 195 -7.61 12.45 -7.84
N SER A 196 -8.70 12.92 -7.22
CA SER A 196 -8.73 14.28 -6.73
C SER A 196 -9.38 14.44 -5.37
N ASN A 197 -9.83 13.36 -4.77
CA ASN A 197 -10.53 13.46 -3.48
C ASN A 197 -9.57 13.37 -2.33
N ARG A 198 -9.49 14.44 -1.53
CA ARG A 198 -8.64 14.42 -0.35
C ARG A 198 -9.24 13.52 0.74
N PHE A 199 -8.43 12.64 1.29
CA PHE A 199 -8.87 11.79 2.40
C PHE A 199 -8.99 12.62 3.67
N SER A 200 -9.80 12.14 4.61
CA SER A 200 -10.00 12.84 5.89
C SER A 200 -8.68 13.27 6.53
N GLY A 201 -8.59 14.55 6.86
CA GLY A 201 -7.42 15.05 7.56
C GLY A 201 -6.27 15.54 6.68
N VAL A 202 -6.39 15.38 5.38
CA VAL A 202 -5.31 15.80 4.48
C VAL A 202 -5.49 17.29 4.11
N PRO A 203 -4.42 18.08 4.27
CA PRO A 203 -4.46 19.54 4.05
C PRO A 203 -4.80 19.93 2.63
N ASP A 204 -5.34 21.12 2.46
CA ASP A 204 -5.74 21.64 1.16
C ASP A 204 -4.57 21.92 0.25
N ARG A 205 -3.36 21.94 0.81
CA ARG A 205 -2.19 22.17 -0.02
C ARG A 205 -1.91 21.00 -0.98
N PHE A 206 -2.48 19.84 -0.70
CA PHE A 206 -2.44 18.70 -1.63
C PHE A 206 -3.57 18.76 -2.61
N SER A 207 -3.25 18.60 -3.89
CA SER A 207 -4.31 18.48 -4.88
C SER A 207 -3.94 17.47 -5.96
N GLY A 208 -4.90 16.66 -6.35
CA GLY A 208 -4.72 15.64 -7.35
C GLY A 208 -5.51 15.98 -8.59
N SER A 209 -4.93 15.69 -9.74
CA SER A 209 -5.60 15.93 -11.01
C SER A 209 -5.22 14.92 -12.05
N GLY A 210 -5.89 14.98 -13.19
CA GLY A 210 -5.54 14.16 -14.32
C GLY A 210 -6.70 13.30 -14.79
N SER A 211 -6.45 12.53 -15.84
CA SER A 211 -7.47 11.66 -16.41
C SER A 211 -6.84 10.65 -17.35
N GLY A 212 -7.55 9.53 -17.50
CA GLY A 212 -7.14 8.52 -18.46
C GLY A 212 -5.88 7.80 -18.00
N THR A 213 -4.76 8.23 -18.57
CA THR A 213 -3.48 7.64 -18.23
C THR A 213 -2.52 8.62 -17.60
N ASP A 214 -2.91 9.88 -17.44
CA ASP A 214 -1.94 10.88 -16.98
C ASP A 214 -2.46 11.60 -15.75
N PHE A 215 -1.70 11.53 -14.66
CA PHE A 215 -2.11 12.07 -13.37
C PHE A 215 -1.00 12.88 -12.68
N THR A 216 -1.43 13.86 -11.89
CA THR A 216 -0.49 14.73 -11.21
C THR A 216 -0.93 14.98 -9.77
N LEU A 217 0.02 14.89 -8.85
CA LEU A 217 -0.17 15.35 -7.49
C LEU A 217 0.62 16.64 -7.30
N LYS A 218 -0.04 17.69 -6.83
CA LYS A 218 0.63 18.95 -6.54
C LYS A 218 0.60 19.26 -5.05
N ILE A 219 1.70 19.80 -4.53
CA ILE A 219 1.80 20.25 -3.14
C ILE A 219 2.16 21.73 -3.20
N SER A 220 1.28 22.59 -2.70
CA SER A 220 1.47 24.03 -2.96
C SER A 220 2.63 24.72 -2.23
N ARG A 221 2.97 24.25 -1.04
CA ARG A 221 4.01 24.88 -0.25
C ARG A 221 4.56 23.80 0.68
N VAL A 222 5.65 23.15 0.26
CA VAL A 222 6.12 21.99 1.00
C VAL A 222 6.59 22.31 2.42
N GLU A 223 6.13 21.51 3.39
CA GLU A 223 6.65 21.61 4.74
C GLU A 223 7.16 20.25 5.20
N ALA A 224 7.75 20.24 6.39
CA ALA A 224 8.48 19.07 6.85
C ALA A 224 7.57 17.86 6.97
N GLU A 225 6.33 18.07 7.38
CA GLU A 225 5.44 16.92 7.49
C GLU A 225 5.07 16.28 6.14
N ASP A 226 5.41 16.94 5.03
CA ASP A 226 5.11 16.40 3.71
C ASP A 226 6.23 15.50 3.15
N LEU A 227 7.36 15.46 3.84
CA LEU A 227 8.54 14.77 3.32
C LEU A 227 8.39 13.25 3.46
N GLY A 228 8.87 12.54 2.46
CA GLY A 228 8.76 11.09 2.45
C GLY A 228 8.67 10.58 1.04
N VAL A 229 8.17 9.37 0.89
CA VAL A 229 8.03 8.82 -0.45
C VAL A 229 6.54 8.76 -0.83
N TYR A 230 6.22 9.36 -1.96
CA TYR A 230 4.86 9.33 -2.51
C TYR A 230 4.73 8.18 -3.48
N PHE A 231 3.62 7.45 -3.39
CA PHE A 231 3.33 6.38 -4.34
C PHE A 231 1.97 6.61 -4.96
N CYS A 232 1.90 6.54 -6.28
CA CYS A 232 0.58 6.41 -6.89
C CYS A 232 0.21 4.92 -6.94
N SER A 233 -1.09 4.65 -7.08
CA SER A 233 -1.57 3.28 -7.15
C SER A 233 -2.84 3.25 -7.96
N GLN A 234 -3.06 2.17 -8.71
CA GLN A 234 -4.34 2.00 -9.42
C GLN A 234 -5.03 0.74 -8.94
N SER A 235 -6.35 0.82 -8.81
CA SER A 235 -7.13 -0.38 -8.49
C SER A 235 -8.31 -0.54 -9.43
N THR A 236 -8.23 0.10 -10.58
CA THR A 236 -9.20 -0.16 -11.64
C THR A 236 -9.03 -1.57 -12.17
N HIS A 237 -7.77 -2.00 -12.30
CA HIS A 237 -7.43 -3.24 -12.96
C HIS A 237 -6.82 -4.18 -11.94
N VAL A 238 -7.08 -5.47 -12.11
CA VAL A 238 -6.39 -6.52 -11.33
C VAL A 238 -5.28 -7.14 -12.20
N PRO A 239 -4.06 -7.28 -11.65
CA PRO A 239 -3.66 -6.97 -10.27
C PRO A 239 -3.53 -5.48 -9.98
N TYR A 240 -3.76 -5.10 -8.73
CA TYR A 240 -3.51 -3.72 -8.33
C TYR A 240 -2.04 -3.45 -8.43
N THR A 241 -1.67 -2.25 -8.86
CA THR A 241 -0.27 -1.92 -9.01
C THR A 241 0.06 -0.55 -8.44
N PHE A 242 1.34 -0.36 -8.17
CA PHE A 242 1.86 0.87 -7.56
C PHE A 242 2.98 1.44 -8.42
N GLY A 243 3.10 2.77 -8.41
CA GLY A 243 4.26 3.41 -9.02
C GLY A 243 5.49 3.14 -8.18
N GLY A 244 6.63 3.50 -8.77
CA GLY A 244 7.90 3.21 -8.12
C GLY A 244 8.31 4.14 -7.00
N GLY A 245 7.50 5.18 -6.77
CA GLY A 245 7.78 6.13 -5.72
C GLY A 245 8.48 7.40 -6.19
N THR A 246 8.21 8.48 -5.47
CA THR A 246 8.92 9.75 -5.63
C THR A 246 9.32 10.19 -4.24
N LYS A 247 10.63 10.29 -4.00
CA LYS A 247 11.11 10.73 -2.70
C LYS A 247 11.20 12.25 -2.68
N LEU A 248 10.35 12.85 -1.86
CA LEU A 248 10.35 14.30 -1.65
C LEU A 248 11.23 14.58 -0.47
N GLU A 249 12.29 15.37 -0.70
CA GLU A 249 13.23 15.63 0.39
C GLU A 249 13.79 17.03 0.25
N ILE A 250 14.44 17.50 1.30
CA ILE A 250 14.99 18.85 1.29
C ILE A 250 16.43 18.86 0.76
N LYS A 251 16.70 19.88 -0.06
CA LYS A 251 18.03 20.09 -0.61
C LYS A 251 19.07 20.39 0.46
C1 MAN B . -21.15 -2.65 -0.82
C2 MAN B . -20.77 -4.10 -0.58
C3 MAN B . -21.10 -5.04 -1.66
C4 MAN B . -22.33 -4.64 -2.38
C5 MAN B . -21.95 -3.37 -3.04
C6 MAN B . -23.22 -3.06 -3.69
O1 MAN B . -20.15 -1.73 -0.48
O2 MAN B . -21.45 -4.49 0.63
O3 MAN B . -21.09 -6.44 -1.25
O4 MAN B . -22.89 -5.57 -3.38
O5 MAN B . -21.85 -2.29 -2.07
O6 MAN B . -24.14 -3.15 -2.58
C1 MAN B . -24.77 -1.95 -2.54
C2 MAN B . -26.04 -2.15 -1.72
C3 MAN B . -26.92 -3.14 -2.32
C4 MAN B . -27.19 -2.84 -3.75
C5 MAN B . -25.86 -2.76 -4.51
C6 MAN B . -26.02 -2.46 -5.96
O2 MAN B . -26.73 -0.89 -1.52
O3 MAN B . -28.19 -3.06 -1.55
O4 MAN B . -27.98 -3.89 -4.31
O5 MAN B . -25.04 -1.69 -3.95
O6 MAN B . -24.77 -2.44 -6.56
C1 MAN C . -12.74 -3.01 -15.35
C1 MAN C . -13.65 0.59 -20.53
C2 MAN C . -11.41 -3.70 -15.64
C2 MAN C . -13.89 -0.38 -21.68
C3 MAN C . -10.44 -2.91 -16.38
C3 MAN C . -14.63 -1.62 -21.37
C4 MAN C . -11.11 -2.07 -17.37
C4 MAN C . -14.40 -2.08 -19.98
C5 MAN C . -11.86 -1.04 -16.59
C5 MAN C . -14.78 -1.03 -19.02
C6 MAN C . -12.48 -0.25 -17.68
C6 MAN C . -14.24 -1.67 -17.83
O1 MAN C . -13.08 -3.04 -14.00
O1 MAN C . -14.14 1.87 -20.77
O2 MAN C . -11.65 -4.80 -16.53
O2 MAN C . -12.65 -0.62 -22.37
O3 MAN C . -9.52 -3.81 -17.06
O3 MAN C . -14.39 -2.68 -22.33
O4 MAN C . -10.29 -1.49 -18.42
O4 MAN C . -15.05 -3.32 -19.57
O5 MAN C . -13.01 -1.69 -15.95
O5 MAN C . -13.93 0.14 -19.14
O6 MAN C . -13.12 -1.27 -18.46
O6 MAN C . -12.90 -1.98 -18.24
C1 MAN C . -14.40 -0.90 -18.74
C1 MAN C . -12.12 -1.27 -17.40
C2 MAN C . -14.80 -1.75 -19.94
C2 MAN C . -10.69 -1.79 -17.53
C3 MAN C . -14.06 -1.35 -21.14
C3 MAN C . -10.67 -3.21 -17.19
C4 MAN C . -14.12 0.09 -21.38
C4 MAN C . -11.15 -3.44 -15.82
C5 MAN C . -13.54 0.86 -20.19
C5 MAN C . -12.61 -2.98 -15.77
C6 MAN C . -13.65 2.32 -20.45
C6 MAN C . -13.17 -3.16 -14.40
O2 MAN C . -16.21 -1.78 -20.21
O2 MAN C . -9.89 -0.99 -16.67
O3 MAN C . -14.57 -2.09 -22.30
O3 MAN C . -9.34 -3.80 -17.38
O4 MAN C . -13.29 0.38 -22.53
O4 MAN C . -11.05 -4.82 -15.47
O5 MAN C . -14.32 0.54 -18.99
O5 MAN C . -12.66 -1.55 -16.08
O6 MAN C . -15.00 2.63 -20.65
O6 MAN C . -14.49 -2.66 -14.38
#